data_2HZ0
#
_entry.id   2HZ0
#
_cell.length_a   34.020
_cell.length_b   123.960
_cell.length_c   139.590
_cell.angle_alpha   90.00
_cell.angle_beta   90.00
_cell.angle_gamma   90.00
#
_symmetry.space_group_name_H-M   'P 21 21 21'
#
loop_
_entity.id
_entity.type
_entity.pdbx_description
1 polymer 'Proto-oncogene tyrosine-protein kinase ABL1'
2 non-polymer 2-{[(6-OXO-1,6-DIHYDROPYRIDIN-3-YL)METHYL]AMINO}-N-[4-PROPYL-3-(TRIFLUOROMETHYL)PHENYL]BENZAMIDE
3 water water
#
_entity_poly.entity_id   1
_entity_poly.type   'polypeptide(L)'
_entity_poly.pdbx_seq_one_letter_code
;VSPNYDKWEMERTDITMKHKLGGGQYGEVYEGVWKKYSLTVAVKTLKEDTMEVEEFLKEAAVMKEIKHPNLVQLLGVCTR
EPPFYIITEFMTYGNLLDYLRECNRQEVNAVVLLYMATQISSAMEYLEKKNFIHRDLAARNCLVGENHLVKVADFGLSRL
MTGDTYTAHAGAKFPIKWTAPESLAYNKFSIKSDVWAFGVLLWEIATYGMSPYPGIDLSQVYELLEKDYRMERPEGCPEK
VYELMRACWQWNPSDRPSFAEIHQAFETMF
;
_entity_poly.pdbx_strand_id   A,B
#
# COMPACT_ATOMS: atom_id res chain seq x y z
N ASP A 6 -40.35 -11.55 -22.30
CA ASP A 6 -39.37 -11.15 -21.31
C ASP A 6 -39.27 -9.66 -21.40
N LYS A 7 -39.35 -9.22 -22.65
CA LYS A 7 -39.17 -7.87 -23.16
C LYS A 7 -38.02 -8.17 -24.11
N TRP A 8 -36.94 -8.75 -23.57
CA TRP A 8 -35.74 -9.13 -24.36
C TRP A 8 -35.77 -10.34 -25.28
N GLU A 9 -36.64 -11.32 -25.01
CA GLU A 9 -36.67 -12.53 -25.85
C GLU A 9 -36.95 -12.23 -27.31
N MET A 10 -36.27 -12.94 -28.20
CA MET A 10 -36.44 -12.80 -29.67
C MET A 10 -36.18 -14.19 -30.24
N GLU A 11 -36.01 -14.32 -31.56
CA GLU A 11 -35.81 -15.64 -32.17
C GLU A 11 -34.87 -15.65 -33.39
N ARG A 12 -34.07 -16.71 -33.57
CA ARG A 12 -33.22 -16.70 -34.77
C ARG A 12 -34.00 -16.79 -36.06
N THR A 13 -33.40 -16.30 -37.12
CA THR A 13 -34.01 -16.22 -38.42
C THR A 13 -34.86 -14.96 -38.49
N ASP A 14 -34.42 -14.04 -37.65
CA ASP A 14 -34.81 -12.68 -37.58
C ASP A 14 -33.37 -12.21 -37.64
N ILE A 15 -32.46 -13.19 -37.45
CA ILE A 15 -31.02 -12.93 -37.48
C ILE A 15 -30.13 -13.83 -38.35
N THR A 16 -29.42 -13.20 -39.28
CA THR A 16 -28.48 -13.90 -40.12
C THR A 16 -27.14 -13.82 -39.44
N MET A 17 -26.50 -14.98 -39.26
CA MET A 17 -25.22 -15.03 -38.62
C MET A 17 -24.16 -14.95 -39.66
N LYS A 18 -23.25 -13.99 -39.49
CA LYS A 18 -22.16 -13.79 -40.41
C LYS A 18 -20.90 -14.23 -39.72
N HIS A 19 -19.76 -13.68 -40.09
CA HIS A 19 -18.49 -14.09 -39.50
C HIS A 19 -18.17 -13.69 -38.05
N LYS A 20 -17.11 -14.28 -37.55
CA LYS A 20 -16.63 -14.04 -36.22
C LYS A 20 -16.10 -12.62 -36.10
N LEU A 21 -16.11 -12.11 -34.89
CA LEU A 21 -15.56 -10.81 -34.60
C LEU A 21 -14.47 -11.11 -33.58
N GLY A 22 -14.68 -12.16 -32.76
CA GLY A 22 -13.69 -12.55 -31.73
C GLY A 22 -14.34 -13.44 -30.66
N GLY A 23 -13.73 -13.52 -29.49
CA GLY A 23 -14.29 -14.31 -28.36
C GLY A 23 -13.27 -14.30 -27.23
N GLY A 24 -13.45 -15.17 -26.24
CA GLY A 24 -12.46 -15.26 -25.12
C GLY A 24 -12.19 -16.77 -24.75
N GLN A 25 -11.79 -17.02 -23.48
CA GLN A 25 -11.54 -18.41 -23.04
C GLN A 25 -12.68 -19.32 -23.46
N TYR A 26 -13.92 -18.86 -23.24
CA TYR A 26 -15.15 -19.49 -23.74
C TYR A 26 -15.92 -18.33 -24.39
N GLY A 27 -16.87 -18.69 -25.24
CA GLY A 27 -17.72 -17.71 -25.88
C GLY A 27 -17.12 -17.20 -27.20
N GLU A 28 -17.96 -17.06 -28.20
CA GLU A 28 -17.46 -16.53 -29.43
C GLU A 28 -18.47 -15.50 -29.89
N VAL A 29 -17.99 -14.38 -30.46
CA VAL A 29 -18.96 -13.33 -30.88
C VAL A 29 -18.96 -13.24 -32.39
N TYR A 30 -20.13 -13.21 -32.99
CA TYR A 30 -20.22 -13.13 -34.44
C TYR A 30 -20.97 -11.84 -34.87
N GLU A 31 -20.68 -11.35 -36.05
CA GLU A 31 -21.43 -10.19 -36.58
C GLU A 31 -22.65 -10.82 -37.18
N GLY A 32 -23.78 -10.13 -37.16
CA GLY A 32 -25.00 -10.64 -37.79
C GLY A 32 -25.98 -9.49 -38.11
N VAL A 33 -27.12 -9.86 -38.74
CA VAL A 33 -28.15 -8.89 -39.08
C VAL A 33 -29.51 -9.33 -38.55
N TRP A 34 -30.19 -8.41 -37.87
CA TRP A 34 -31.53 -8.60 -37.30
C TRP A 34 -32.45 -8.14 -38.42
N LYS A 35 -32.41 -8.84 -39.56
CA LYS A 35 -33.22 -8.55 -40.78
C LYS A 35 -34.37 -7.53 -40.70
N LYS A 36 -35.37 -7.84 -39.87
CA LYS A 36 -36.55 -7.00 -39.68
C LYS A 36 -36.29 -5.49 -39.64
N TYR A 37 -35.54 -5.08 -38.61
CA TYR A 37 -35.21 -3.70 -38.40
C TYR A 37 -33.91 -3.40 -39.14
N SER A 38 -33.56 -4.31 -40.05
CA SER A 38 -32.37 -4.19 -40.89
C SER A 38 -31.00 -3.95 -40.22
N LEU A 39 -30.95 -3.95 -38.88
CA LEU A 39 -29.72 -3.65 -38.14
C LEU A 39 -28.59 -4.69 -38.04
N THR A 40 -27.34 -4.27 -38.31
CA THR A 40 -26.18 -5.14 -38.13
C THR A 40 -26.07 -5.21 -36.58
N VAL A 41 -25.70 -6.38 -36.04
CA VAL A 41 -25.66 -6.59 -34.58
C VAL A 41 -24.49 -7.53 -34.28
N ALA A 42 -24.21 -7.74 -33.00
CA ALA A 42 -23.11 -8.63 -32.55
C ALA A 42 -23.86 -9.69 -31.67
N VAL A 43 -23.53 -10.93 -31.85
CA VAL A 43 -24.25 -12.06 -31.17
C VAL A 43 -23.21 -12.99 -30.60
N LYS A 44 -23.30 -13.20 -29.31
CA LYS A 44 -22.34 -14.09 -28.61
C LYS A 44 -22.99 -15.46 -28.47
N THR A 45 -22.20 -16.51 -28.74
CA THR A 45 -22.68 -17.87 -28.60
C THR A 45 -21.66 -18.69 -27.84
N LEU A 46 -22.13 -19.82 -27.32
CA LEU A 46 -21.26 -20.78 -26.63
C LEU A 46 -21.24 -21.96 -27.58
N LYS A 47 -20.39 -22.92 -27.30
CA LYS A 47 -20.31 -24.09 -28.16
C LYS A 47 -21.27 -25.21 -27.84
N GLU A 48 -21.36 -26.17 -28.80
CA GLU A 48 -22.22 -27.37 -28.67
C GLU A 48 -22.02 -27.93 -27.29
N ASP A 49 -20.79 -28.34 -27.00
CA ASP A 49 -20.51 -28.87 -25.70
C ASP A 49 -19.66 -28.01 -24.78
N THR A 50 -20.07 -26.74 -24.64
CA THR A 50 -19.49 -25.83 -23.68
C THR A 50 -20.62 -25.83 -22.64
N MET A 51 -20.48 -26.64 -21.60
CA MET A 51 -21.50 -26.77 -20.56
C MET A 51 -21.41 -25.59 -19.62
N GLU A 52 -21.68 -24.39 -20.10
CA GLU A 52 -21.59 -23.24 -19.22
C GLU A 52 -22.87 -22.42 -19.22
N VAL A 53 -23.99 -23.14 -19.29
CA VAL A 53 -25.29 -22.51 -19.31
C VAL A 53 -25.55 -21.48 -18.25
N GLU A 54 -25.45 -21.83 -16.99
CA GLU A 54 -25.72 -20.87 -15.92
C GLU A 54 -24.83 -19.58 -16.05
N GLU A 55 -23.62 -19.77 -16.57
CA GLU A 55 -22.68 -18.63 -16.73
C GLU A 55 -23.18 -17.70 -17.83
N PHE A 56 -23.64 -18.29 -18.92
CA PHE A 56 -24.15 -17.56 -20.06
C PHE A 56 -25.41 -16.81 -19.64
N LEU A 57 -26.30 -17.50 -18.91
CA LEU A 57 -27.55 -16.92 -18.39
C LEU A 57 -27.31 -15.79 -17.40
N LYS A 58 -26.28 -15.93 -16.61
CA LYS A 58 -25.97 -14.93 -15.63
C LYS A 58 -25.50 -13.60 -16.49
N GLU A 59 -24.72 -13.81 -17.55
CA GLU A 59 -24.24 -12.66 -18.37
C GLU A 59 -25.47 -11.97 -18.97
N ALA A 60 -26.35 -12.76 -19.60
CA ALA A 60 -27.59 -12.17 -20.16
C ALA A 60 -28.43 -11.45 -19.11
N ALA A 61 -28.57 -12.04 -17.93
CA ALA A 61 -29.42 -11.43 -16.89
C ALA A 61 -28.87 -10.10 -16.43
N VAL A 62 -27.55 -10.03 -16.24
CA VAL A 62 -26.93 -8.80 -15.74
C VAL A 62 -27.03 -7.73 -16.81
N MET A 63 -26.80 -8.12 -18.05
CA MET A 63 -26.85 -7.12 -19.13
C MET A 63 -28.20 -6.35 -19.23
N LYS A 64 -29.27 -6.97 -18.72
CA LYS A 64 -30.63 -6.40 -18.78
C LYS A 64 -30.76 -5.36 -17.72
N GLU A 65 -29.89 -5.37 -16.75
CA GLU A 65 -29.94 -4.40 -15.72
C GLU A 65 -29.09 -3.14 -16.02
N ILE A 66 -28.40 -3.14 -17.13
CA ILE A 66 -27.45 -2.03 -17.40
C ILE A 66 -27.97 -1.03 -18.39
N LYS A 67 -27.92 0.24 -18.03
CA LYS A 67 -28.32 1.31 -19.00
C LYS A 67 -27.36 2.46 -18.86
N HIS A 68 -26.39 2.56 -19.77
CA HIS A 68 -25.37 3.64 -19.67
C HIS A 68 -24.85 3.93 -21.00
N PRO A 69 -24.55 5.19 -21.30
CA PRO A 69 -24.08 5.54 -22.68
C PRO A 69 -22.74 4.83 -23.10
N ASN A 70 -21.89 4.47 -22.17
CA ASN A 70 -20.65 3.88 -22.55
C ASN A 70 -20.50 2.39 -22.07
N LEU A 71 -21.61 1.66 -22.07
CA LEU A 71 -21.61 0.22 -21.75
C LEU A 71 -22.34 -0.30 -22.93
N VAL A 72 -21.76 -1.21 -23.69
CA VAL A 72 -22.39 -1.70 -24.87
C VAL A 72 -23.86 -2.07 -24.64
N GLN A 73 -24.67 -1.79 -25.65
CA GLN A 73 -26.08 -1.92 -25.56
C GLN A 73 -26.71 -3.24 -25.86
N LEU A 74 -27.41 -3.78 -24.89
CA LEU A 74 -28.12 -5.04 -25.09
C LEU A 74 -29.36 -4.78 -25.92
N LEU A 75 -29.57 -5.57 -26.95
CA LEU A 75 -30.72 -5.43 -27.79
C LEU A 75 -31.74 -6.56 -27.51
N GLY A 76 -31.23 -7.77 -27.28
CA GLY A 76 -32.09 -8.90 -26.98
C GLY A 76 -31.26 -10.14 -26.58
N VAL A 77 -31.99 -11.26 -26.43
CA VAL A 77 -31.40 -12.54 -26.01
C VAL A 77 -32.34 -13.69 -26.48
N CYS A 78 -31.73 -14.83 -26.80
CA CYS A 78 -32.44 -16.05 -27.19
C CYS A 78 -32.12 -17.05 -26.08
N THR A 79 -32.89 -17.03 -24.99
CA THR A 79 -32.62 -17.91 -23.84
C THR A 79 -33.72 -18.92 -23.45
N ARG A 80 -34.70 -19.12 -24.30
CA ARG A 80 -35.73 -20.10 -23.97
C ARG A 80 -35.29 -21.51 -24.40
N GLU A 81 -34.35 -21.56 -25.35
CA GLU A 81 -33.81 -22.83 -25.85
C GLU A 81 -32.49 -22.59 -26.62
N PRO A 82 -31.67 -23.64 -26.71
CA PRO A 82 -30.35 -23.56 -27.38
C PRO A 82 -30.46 -23.46 -28.90
N PRO A 83 -29.46 -22.88 -29.58
CA PRO A 83 -28.31 -22.26 -28.93
C PRO A 83 -28.79 -20.96 -28.33
N PHE A 84 -28.21 -20.62 -27.20
CA PHE A 84 -28.58 -19.39 -26.54
C PHE A 84 -27.75 -18.27 -27.19
N TYR A 85 -28.36 -17.10 -27.34
CA TYR A 85 -27.69 -15.95 -27.94
C TYR A 85 -27.84 -14.78 -27.00
N ILE A 86 -26.86 -13.84 -27.06
CA ILE A 86 -26.95 -12.56 -26.38
C ILE A 86 -26.64 -11.61 -27.52
N ILE A 87 -27.54 -10.68 -27.76
CA ILE A 87 -27.42 -9.77 -28.90
C ILE A 87 -27.24 -8.34 -28.43
N THR A 88 -26.21 -7.68 -28.96
CA THR A 88 -25.92 -6.30 -28.60
C THR A 88 -25.75 -5.47 -29.90
N GLU A 89 -25.58 -4.18 -29.75
CA GLU A 89 -25.39 -3.33 -30.93
C GLU A 89 -24.03 -3.70 -31.46
N PHE A 90 -23.83 -3.45 -32.76
CA PHE A 90 -22.54 -3.64 -33.47
C PHE A 90 -21.81 -2.24 -33.39
N MET A 91 -20.55 -2.25 -33.01
CA MET A 91 -19.76 -1.04 -32.80
C MET A 91 -18.87 -0.89 -34.00
N THR A 92 -19.27 0.05 -34.87
CA THR A 92 -18.62 0.24 -36.17
C THR A 92 -17.15 0.20 -36.27
N TYR A 93 -16.41 0.71 -35.28
CA TYR A 93 -14.94 0.65 -35.36
C TYR A 93 -14.17 -0.56 -34.69
N GLY A 94 -14.92 -1.50 -34.10
CA GLY A 94 -14.26 -2.69 -33.52
C GLY A 94 -13.67 -2.42 -32.16
N ASN A 95 -12.72 -3.24 -31.80
CA ASN A 95 -12.11 -3.13 -30.50
C ASN A 95 -11.14 -2.00 -30.35
N LEU A 96 -11.12 -1.40 -29.18
CA LEU A 96 -10.27 -0.27 -28.88
C LEU A 96 -8.79 -0.55 -29.06
N LEU A 97 -8.36 -1.74 -28.72
CA LEU A 97 -6.94 -2.07 -28.83
C LEU A 97 -6.41 -2.03 -30.26
N ASP A 98 -7.12 -2.64 -31.20
CA ASP A 98 -6.67 -2.54 -32.59
C ASP A 98 -6.93 -1.09 -33.09
N TYR A 99 -8.00 -0.43 -32.63
CA TYR A 99 -8.28 0.93 -33.08
C TYR A 99 -7.09 1.81 -32.79
N LEU A 100 -6.59 1.70 -31.58
CA LEU A 100 -5.46 2.46 -31.12
C LEU A 100 -4.20 2.11 -31.89
N ARG A 101 -3.98 0.82 -32.14
CA ARG A 101 -2.76 0.35 -32.86
C ARG A 101 -2.73 0.71 -34.33
N GLU A 102 -3.87 1.05 -34.91
CA GLU A 102 -3.91 1.33 -36.33
C GLU A 102 -4.36 2.73 -36.67
N CYS A 103 -4.69 3.53 -35.65
CA CYS A 103 -5.28 4.86 -35.86
C CYS A 103 -4.35 6.02 -36.35
N ASN A 104 -4.98 7.07 -36.83
CA ASN A 104 -4.25 8.27 -37.21
C ASN A 104 -4.14 8.99 -35.94
N ARG A 105 -2.95 9.03 -35.39
CA ARG A 105 -2.71 9.70 -34.11
C ARG A 105 -2.89 11.19 -33.97
N GLN A 106 -2.90 11.91 -35.11
CA GLN A 106 -3.06 13.34 -35.09
C GLN A 106 -4.51 13.59 -34.86
N GLU A 107 -5.33 12.71 -35.41
CA GLU A 107 -6.75 12.80 -35.20
C GLU A 107 -7.05 12.19 -33.83
N VAL A 108 -6.45 11.01 -33.53
CA VAL A 108 -6.64 10.41 -32.20
C VAL A 108 -5.51 10.85 -31.33
N ASN A 109 -5.61 12.11 -30.86
CA ASN A 109 -4.54 12.73 -30.10
C ASN A 109 -4.72 12.63 -28.64
N ALA A 110 -3.78 13.16 -27.89
CA ALA A 110 -3.80 12.98 -26.42
C ALA A 110 -5.08 13.37 -25.77
N VAL A 111 -5.73 14.39 -26.37
CA VAL A 111 -6.95 14.91 -25.81
C VAL A 111 -8.10 13.91 -26.09
N VAL A 112 -8.10 13.34 -27.28
CA VAL A 112 -9.09 12.30 -27.62
C VAL A 112 -8.84 11.04 -26.65
N LEU A 113 -7.58 10.73 -26.37
CA LEU A 113 -7.24 9.61 -25.47
C LEU A 113 -7.78 9.89 -24.12
N LEU A 114 -7.69 11.15 -23.67
CA LEU A 114 -8.21 11.58 -22.39
C LEU A 114 -9.72 11.51 -22.29
N TYR A 115 -10.38 11.87 -23.37
CA TYR A 115 -11.86 11.85 -23.42
C TYR A 115 -12.29 10.34 -23.45
N MET A 116 -11.55 9.55 -24.19
CA MET A 116 -11.84 8.09 -24.24
C MET A 116 -11.77 7.50 -22.81
N ALA A 117 -10.75 7.86 -22.08
CA ALA A 117 -10.55 7.42 -20.72
C ALA A 117 -11.67 7.85 -19.79
N THR A 118 -12.11 9.11 -19.96
CA THR A 118 -13.20 9.63 -19.14
C THR A 118 -14.52 8.88 -19.43
N GLN A 119 -14.74 8.52 -20.67
CA GLN A 119 -15.97 7.80 -21.02
C GLN A 119 -15.92 6.37 -20.33
N ILE A 120 -14.76 5.73 -20.38
CA ILE A 120 -14.65 4.39 -19.72
C ILE A 120 -14.85 4.57 -18.22
N SER A 121 -14.22 5.59 -17.63
CA SER A 121 -14.37 5.82 -16.21
C SER A 121 -15.81 6.08 -15.76
N SER A 122 -16.60 6.64 -16.65
CA SER A 122 -18.00 6.92 -16.34
C SER A 122 -18.79 5.54 -16.38
N ALA A 123 -18.49 4.71 -17.35
CA ALA A 123 -19.12 3.33 -17.48
C ALA A 123 -18.79 2.53 -16.19
N MET A 124 -17.55 2.56 -15.77
CA MET A 124 -17.10 1.91 -14.56
C MET A 124 -17.69 2.43 -13.31
N GLU A 125 -17.84 3.75 -13.24
CA GLU A 125 -18.47 4.29 -12.02
C GLU A 125 -19.88 3.76 -11.98
N TYR A 126 -20.53 3.70 -13.10
CA TYR A 126 -21.89 3.17 -13.12
C TYR A 126 -21.92 1.68 -12.60
N LEU A 127 -21.02 0.84 -13.15
CA LEU A 127 -20.95 -0.61 -12.77
C LEU A 127 -20.71 -0.65 -11.31
N GLU A 128 -19.86 0.23 -10.86
CA GLU A 128 -19.53 0.31 -9.47
C GLU A 128 -20.82 0.56 -8.58
N LYS A 129 -21.68 1.49 -9.04
CA LYS A 129 -22.91 1.79 -8.25
C LYS A 129 -23.73 0.53 -8.18
N LYS A 130 -23.76 -0.20 -9.27
CA LYS A 130 -24.53 -1.45 -9.32
C LYS A 130 -23.93 -2.65 -8.57
N ASN A 131 -22.72 -2.48 -8.10
CA ASN A 131 -21.97 -3.56 -7.45
C ASN A 131 -21.69 -4.71 -8.42
N PHE A 132 -21.39 -4.33 -9.66
CA PHE A 132 -21.09 -5.32 -10.71
C PHE A 132 -19.57 -5.26 -10.91
N ILE A 133 -18.92 -6.43 -11.02
CA ILE A 133 -17.45 -6.49 -11.23
C ILE A 133 -17.28 -7.17 -12.57
N HIS A 134 -16.51 -6.54 -13.43
CA HIS A 134 -16.36 -6.95 -14.80
C HIS A 134 -15.45 -8.20 -14.88
N ARG A 135 -14.32 -8.06 -14.27
CA ARG A 135 -13.29 -9.07 -14.24
C ARG A 135 -12.29 -9.30 -15.45
N ASP A 136 -12.57 -8.74 -16.60
CA ASP A 136 -11.66 -8.82 -17.79
C ASP A 136 -11.55 -7.39 -18.50
N LEU A 137 -11.46 -6.33 -17.71
CA LEU A 137 -11.39 -4.95 -18.29
C LEU A 137 -10.02 -4.80 -18.93
N ALA A 138 -10.00 -4.41 -20.21
CA ALA A 138 -8.69 -4.19 -20.87
C ALA A 138 -9.12 -3.57 -22.14
N ALA A 139 -8.19 -3.00 -22.92
CA ALA A 139 -8.60 -2.38 -24.18
C ALA A 139 -9.18 -3.31 -25.14
N ARG A 140 -8.75 -4.58 -25.14
CA ARG A 140 -9.32 -5.49 -26.15
C ARG A 140 -10.77 -5.71 -25.90
N ASN A 141 -11.26 -5.41 -24.70
CA ASN A 141 -12.70 -5.61 -24.49
C ASN A 141 -13.48 -4.32 -24.66
N CYS A 142 -12.80 -3.23 -25.02
CA CYS A 142 -13.53 -1.95 -25.21
C CYS A 142 -13.78 -1.81 -26.64
N LEU A 143 -14.89 -1.14 -26.99
CA LEU A 143 -15.31 -1.03 -28.38
C LEU A 143 -15.42 0.45 -28.83
N VAL A 144 -15.33 0.68 -30.15
CA VAL A 144 -15.34 2.09 -30.69
C VAL A 144 -16.39 2.33 -31.69
N GLY A 145 -17.17 3.37 -31.45
CA GLY A 145 -18.20 3.70 -32.41
C GLY A 145 -17.72 4.95 -33.21
N GLU A 146 -18.66 5.66 -33.76
CA GLU A 146 -18.39 6.85 -34.59
C GLU A 146 -17.77 8.01 -33.82
N ASN A 147 -16.82 8.73 -34.45
CA ASN A 147 -16.31 9.88 -33.73
C ASN A 147 -15.69 9.58 -32.38
N HIS A 148 -14.86 8.53 -32.34
CA HIS A 148 -14.15 8.11 -31.11
C HIS A 148 -14.95 7.72 -29.91
N LEU A 149 -16.21 7.49 -30.10
CA LEU A 149 -17.09 7.09 -28.97
C LEU A 149 -16.52 5.73 -28.46
N VAL A 150 -16.28 5.59 -27.15
CA VAL A 150 -15.82 4.28 -26.65
C VAL A 150 -16.89 3.65 -25.69
N LYS A 151 -17.01 2.31 -25.68
CA LYS A 151 -17.95 1.65 -24.72
C LYS A 151 -17.21 0.38 -24.15
N VAL A 152 -17.45 0.07 -22.88
CA VAL A 152 -16.86 -1.14 -22.25
C VAL A 152 -17.76 -2.32 -22.64
N ALA A 153 -17.17 -3.45 -22.93
CA ALA A 153 -17.94 -4.61 -23.33
C ALA A 153 -17.12 -5.85 -22.87
N ASP A 154 -17.38 -7.02 -23.43
CA ASP A 154 -16.57 -8.25 -23.07
C ASP A 154 -16.80 -9.19 -24.22
N PHE A 155 -15.74 -9.58 -24.93
CA PHE A 155 -15.91 -10.49 -26.06
C PHE A 155 -16.02 -11.95 -25.55
N GLY A 156 -15.57 -12.22 -24.32
CA GLY A 156 -15.59 -13.57 -23.77
C GLY A 156 -16.91 -13.85 -22.99
N LEU A 157 -17.10 -15.14 -22.64
CA LEU A 157 -18.28 -15.54 -21.86
C LEU A 157 -17.90 -14.83 -20.62
N SER A 158 -18.75 -13.97 -20.09
CA SER A 158 -18.35 -13.16 -18.93
C SER A 158 -18.09 -13.83 -17.61
N ARG A 159 -17.05 -13.38 -16.93
CA ARG A 159 -16.73 -13.81 -15.61
C ARG A 159 -17.12 -12.77 -14.63
N LEU A 160 -18.14 -12.00 -14.93
CA LEU A 160 -18.54 -10.91 -14.01
C LEU A 160 -18.89 -11.53 -12.69
N MET A 161 -18.94 -10.70 -11.67
CA MET A 161 -19.47 -11.10 -10.36
C MET A 161 -20.40 -9.92 -9.90
N THR A 162 -21.52 -10.22 -9.26
CA THR A 162 -22.41 -9.17 -8.71
C THR A 162 -22.40 -9.39 -7.23
N GLY A 163 -23.17 -8.58 -6.51
CA GLY A 163 -23.24 -8.72 -5.04
C GLY A 163 -24.01 -10.00 -4.63
N ASP A 164 -24.54 -10.74 -5.60
CA ASP A 164 -25.30 -12.00 -5.36
C ASP A 164 -24.64 -13.23 -5.96
N THR A 165 -23.56 -13.05 -6.72
CA THR A 165 -22.95 -14.17 -7.45
C THR A 165 -21.52 -14.29 -7.19
N TYR A 166 -21.00 -15.50 -7.32
CA TYR A 166 -19.60 -15.76 -7.07
C TYR A 166 -19.10 -16.81 -8.05
N THR A 167 -19.96 -17.31 -8.94
CA THR A 167 -19.48 -18.33 -9.88
C THR A 167 -18.72 -17.80 -11.08
N ALA A 168 -18.05 -18.74 -11.77
CA ALA A 168 -17.28 -18.49 -13.00
C ALA A 168 -17.23 -19.83 -13.79
N HIS A 169 -17.01 -19.74 -15.11
CA HIS A 169 -16.92 -20.95 -15.94
C HIS A 169 -15.68 -21.73 -15.56
N ALA A 170 -15.69 -23.01 -15.88
CA ALA A 170 -14.59 -23.91 -15.45
C ALA A 170 -13.24 -23.47 -16.02
N GLY A 171 -12.17 -23.62 -15.21
CA GLY A 171 -10.77 -23.30 -15.62
C GLY A 171 -10.50 -21.80 -16.01
N ALA A 172 -11.35 -20.88 -15.53
CA ALA A 172 -11.26 -19.42 -15.81
C ALA A 172 -9.92 -18.98 -15.42
N LYS A 173 -9.19 -18.53 -16.41
CA LYS A 173 -7.80 -18.05 -16.28
C LYS A 173 -7.78 -16.53 -16.49
N PHE A 174 -7.08 -15.83 -15.64
CA PHE A 174 -6.99 -14.34 -15.72
C PHE A 174 -5.62 -13.83 -16.20
N PRO A 175 -5.64 -12.90 -17.18
CA PRO A 175 -4.39 -12.41 -17.79
C PRO A 175 -3.55 -11.72 -16.77
N ILE A 176 -2.36 -12.24 -16.58
CA ILE A 176 -1.49 -11.73 -15.52
C ILE A 176 -1.21 -10.18 -15.52
N LYS A 177 -1.02 -9.62 -16.70
CA LYS A 177 -0.63 -8.21 -16.76
C LYS A 177 -1.75 -7.22 -16.38
N TRP A 178 -3.01 -7.65 -16.43
CA TRP A 178 -4.08 -6.76 -16.03
C TRP A 178 -4.67 -7.10 -14.69
N THR A 179 -4.27 -8.23 -14.12
CA THR A 179 -4.90 -8.77 -12.90
C THR A 179 -4.22 -8.34 -11.66
N ALA A 180 -4.98 -7.77 -10.72
CA ALA A 180 -4.41 -7.21 -9.52
C ALA A 180 -3.69 -8.32 -8.67
N PRO A 181 -2.70 -7.96 -7.89
CA PRO A 181 -1.89 -8.94 -7.12
C PRO A 181 -2.73 -9.83 -6.24
N GLU A 182 -3.67 -9.23 -5.50
CA GLU A 182 -4.47 -10.01 -4.58
C GLU A 182 -5.34 -10.96 -5.33
N SER A 183 -5.68 -10.62 -6.56
CA SER A 183 -6.54 -11.47 -7.38
C SER A 183 -5.75 -12.71 -7.92
N LEU A 184 -4.55 -12.45 -8.43
CA LEU A 184 -3.66 -13.54 -8.93
C LEU A 184 -3.30 -14.47 -7.75
N ALA A 185 -2.79 -13.91 -6.67
CA ALA A 185 -2.30 -14.70 -5.57
C ALA A 185 -3.30 -15.33 -4.64
N TYR A 186 -4.46 -14.68 -4.42
CA TYR A 186 -5.46 -15.22 -3.52
C TYR A 186 -6.82 -15.28 -4.10
N ASN A 187 -6.91 -15.09 -5.39
CA ASN A 187 -8.23 -15.22 -6.00
C ASN A 187 -9.25 -14.24 -5.39
N LYS A 188 -8.78 -13.11 -4.88
CA LYS A 188 -9.70 -12.12 -4.32
C LYS A 188 -10.05 -11.00 -5.35
N PHE A 189 -11.23 -11.10 -5.94
CA PHE A 189 -11.72 -10.13 -6.93
C PHE A 189 -12.76 -9.19 -6.30
N SER A 190 -12.76 -7.94 -6.74
CA SER A 190 -13.65 -6.87 -6.17
C SER A 190 -13.68 -5.72 -7.18
N ILE A 191 -14.34 -4.65 -6.81
CA ILE A 191 -14.40 -3.41 -7.67
C ILE A 191 -12.98 -2.92 -7.72
N LYS A 192 -12.30 -2.98 -6.60
CA LYS A 192 -10.94 -2.56 -6.54
C LYS A 192 -10.01 -3.31 -7.50
N SER A 193 -10.32 -4.60 -7.82
CA SER A 193 -9.42 -5.29 -8.78
C SER A 193 -9.76 -4.77 -10.16
N ASP A 194 -11.02 -4.45 -10.38
CA ASP A 194 -11.41 -3.85 -11.65
C ASP A 194 -10.68 -2.43 -11.80
N VAL A 195 -10.49 -1.75 -10.69
CA VAL A 195 -9.78 -0.41 -10.64
C VAL A 195 -8.36 -0.65 -11.01
N TRP A 196 -7.74 -1.76 -10.49
CA TRP A 196 -6.35 -2.06 -10.89
C TRP A 196 -6.30 -2.24 -12.42
N ALA A 197 -7.19 -3.09 -12.99
CA ALA A 197 -7.24 -3.29 -14.43
C ALA A 197 -7.43 -1.92 -15.20
N PHE A 198 -8.28 -1.05 -14.67
CA PHE A 198 -8.53 0.29 -15.31
C PHE A 198 -7.22 1.09 -15.44
N GLY A 199 -6.37 1.00 -14.44
CA GLY A 199 -5.07 1.63 -14.46
C GLY A 199 -4.30 1.07 -15.64
N VAL A 200 -4.31 -0.25 -15.84
CA VAL A 200 -3.51 -0.81 -16.95
C VAL A 200 -4.12 -0.40 -18.27
N LEU A 201 -5.45 -0.39 -18.34
CA LEU A 201 -6.06 0.01 -19.54
C LEU A 201 -5.66 1.53 -19.86
N LEU A 202 -5.60 2.37 -18.84
CA LEU A 202 -5.25 3.83 -19.02
C LEU A 202 -3.89 3.82 -19.72
N TRP A 203 -3.01 2.96 -19.20
CA TRP A 203 -1.64 2.78 -19.82
C TRP A 203 -1.68 2.28 -21.26
N GLU A 204 -2.61 1.38 -21.58
CA GLU A 204 -2.75 0.90 -22.97
C GLU A 204 -3.20 2.08 -23.86
N ILE A 205 -4.12 2.87 -23.35
CA ILE A 205 -4.68 3.96 -24.13
C ILE A 205 -3.52 4.99 -24.42
N ALA A 206 -2.77 5.34 -23.41
CA ALA A 206 -1.68 6.33 -23.53
C ALA A 206 -0.60 5.98 -24.48
N THR A 207 -0.33 4.67 -24.62
CA THR A 207 0.76 4.18 -25.46
C THR A 207 0.22 3.73 -26.75
N TYR A 208 -1.05 4.03 -27.02
CA TYR A 208 -1.62 3.58 -28.29
C TYR A 208 -1.54 2.03 -28.40
N GLY A 209 -1.81 1.35 -27.28
CA GLY A 209 -1.97 -0.09 -27.34
C GLY A 209 -0.69 -0.90 -27.36
N MET A 210 0.30 -0.42 -26.66
CA MET A 210 1.52 -1.17 -26.50
C MET A 210 1.16 -2.33 -25.49
N SER A 211 1.96 -3.38 -25.51
CA SER A 211 1.79 -4.52 -24.61
C SER A 211 2.37 -4.11 -23.26
N PRO A 212 1.61 -4.30 -22.19
CA PRO A 212 2.14 -3.87 -20.87
C PRO A 212 3.37 -4.53 -20.34
N TYR A 213 4.00 -3.86 -19.35
CA TYR A 213 5.25 -4.28 -18.69
C TYR A 213 6.33 -4.55 -19.75
N PRO A 214 6.66 -3.54 -20.57
CA PRO A 214 7.68 -3.76 -21.64
C PRO A 214 8.93 -4.10 -20.95
N GLY A 215 9.65 -5.07 -21.52
CA GLY A 215 10.98 -5.48 -21.05
C GLY A 215 11.08 -6.31 -19.79
N ILE A 216 9.98 -6.94 -19.39
CA ILE A 216 9.87 -7.79 -18.16
C ILE A 216 9.21 -9.13 -18.55
N ASP A 217 9.65 -10.26 -18.00
CA ASP A 217 8.98 -11.58 -18.34
C ASP A 217 7.77 -11.71 -17.44
N LEU A 218 6.77 -12.47 -17.86
CA LEU A 218 5.54 -12.67 -17.03
C LEU A 218 5.88 -13.15 -15.65
N SER A 219 6.89 -13.98 -15.56
CA SER A 219 7.26 -14.54 -14.28
C SER A 219 7.73 -13.58 -13.28
N GLN A 220 8.08 -12.37 -13.71
CA GLN A 220 8.58 -11.36 -12.74
C GLN A 220 7.57 -10.26 -12.39
N VAL A 221 6.51 -10.15 -13.11
CA VAL A 221 5.54 -9.09 -12.91
C VAL A 221 5.11 -8.90 -11.46
N TYR A 222 4.58 -9.94 -10.86
CA TYR A 222 4.09 -9.86 -9.45
C TYR A 222 5.15 -9.57 -8.49
N GLU A 223 6.28 -10.25 -8.66
CA GLU A 223 7.45 -10.08 -7.78
C GLU A 223 7.97 -8.61 -7.81
N LEU A 224 8.04 -8.05 -9.01
CA LEU A 224 8.47 -6.64 -9.16
C LEU A 224 7.37 -5.77 -8.55
N LEU A 225 6.10 -6.10 -8.79
CA LEU A 225 5.02 -5.27 -8.23
C LEU A 225 5.14 -5.24 -6.77
N GLU A 226 5.38 -6.42 -6.22
CA GLU A 226 5.44 -6.52 -4.79
C GLU A 226 6.61 -5.79 -4.25
N LYS A 227 7.64 -5.59 -5.06
CA LYS A 227 8.80 -4.80 -4.56
C LYS A 227 8.60 -3.29 -4.89
N ASP A 228 7.39 -2.90 -5.24
CA ASP A 228 7.10 -1.48 -5.52
C ASP A 228 7.57 -0.90 -6.86
N TYR A 229 7.74 -1.73 -7.87
CA TYR A 229 8.04 -1.28 -9.23
C TYR A 229 6.69 -1.09 -9.91
N ARG A 230 6.58 -0.15 -10.89
CA ARG A 230 5.34 0.04 -11.64
C ARG A 230 5.77 0.47 -12.98
N MET A 231 4.91 0.34 -13.93
CA MET A 231 5.19 0.78 -15.22
C MET A 231 5.41 2.31 -15.14
N GLU A 232 6.26 2.79 -16.04
CA GLU A 232 6.60 4.20 -16.08
C GLU A 232 5.61 5.06 -16.84
N ARG A 233 5.62 6.34 -16.53
CA ARG A 233 4.74 7.26 -17.24
C ARG A 233 5.04 7.21 -18.74
N PRO A 234 4.03 6.93 -19.55
CA PRO A 234 4.23 6.95 -20.98
C PRO A 234 4.55 8.38 -21.47
N GLU A 235 5.29 8.45 -22.56
CA GLU A 235 5.69 9.71 -23.21
C GLU A 235 4.49 10.50 -23.61
N GLY A 236 4.38 11.73 -23.09
CA GLY A 236 3.27 12.63 -23.48
C GLY A 236 2.04 12.43 -22.62
N CYS A 237 2.14 11.53 -21.64
CA CYS A 237 1.01 11.28 -20.76
C CYS A 237 1.10 12.32 -19.64
N PRO A 238 0.06 13.12 -19.47
CA PRO A 238 0.05 14.16 -18.41
C PRO A 238 0.27 13.59 -16.98
N GLU A 239 1.05 14.30 -16.17
CA GLU A 239 1.32 13.85 -14.82
C GLU A 239 0.08 13.45 -14.00
N LYS A 240 -1.00 14.20 -14.11
CA LYS A 240 -2.22 13.89 -13.34
C LYS A 240 -2.84 12.58 -13.80
N VAL A 241 -2.70 12.28 -15.08
CA VAL A 241 -3.21 11.03 -15.66
C VAL A 241 -2.34 9.84 -15.16
N TYR A 242 -1.00 10.01 -15.17
CA TYR A 242 -0.06 9.07 -14.60
C TYR A 242 -0.32 8.86 -13.08
N GLU A 243 -0.57 9.94 -12.34
CA GLU A 243 -0.86 9.84 -10.91
C GLU A 243 -2.10 8.97 -10.64
N LEU A 244 -3.09 9.13 -11.49
CA LEU A 244 -4.31 8.40 -11.41
C LEU A 244 -3.94 6.91 -11.69
N MET A 245 -3.10 6.63 -12.70
CA MET A 245 -2.67 5.23 -12.96
C MET A 245 -2.06 4.64 -11.74
N ARG A 246 -1.13 5.39 -11.15
CA ARG A 246 -0.42 4.96 -9.96
C ARG A 246 -1.32 4.68 -8.74
N ALA A 247 -2.38 5.46 -8.60
CA ALA A 247 -3.27 5.28 -7.43
C ALA A 247 -4.10 3.98 -7.69
N CYS A 248 -4.39 3.73 -8.95
CA CYS A 248 -5.15 2.52 -9.33
C CYS A 248 -4.31 1.28 -9.01
N TRP A 249 -2.98 1.46 -9.06
CA TRP A 249 -1.98 0.42 -8.83
C TRP A 249 -1.50 0.41 -7.42
N GLN A 250 -2.31 0.90 -6.50
CA GLN A 250 -1.88 0.83 -5.09
C GLN A 250 -1.94 -0.71 -4.73
N TRP A 251 -1.01 -1.16 -3.92
CA TRP A 251 -0.93 -2.58 -3.54
C TRP A 251 -2.14 -3.01 -2.79
N ASN A 252 -2.54 -2.21 -1.77
CA ASN A 252 -3.74 -2.51 -0.94
C ASN A 252 -4.95 -2.16 -1.65
N PRO A 253 -5.84 -3.13 -1.94
CA PRO A 253 -7.06 -2.78 -2.71
C PRO A 253 -7.81 -1.58 -2.16
N SER A 254 -7.90 -1.47 -0.85
CA SER A 254 -8.66 -0.42 -0.25
C SER A 254 -8.03 1.01 -0.38
N ASP A 255 -6.76 1.09 -0.78
CA ASP A 255 -6.07 2.33 -0.98
C ASP A 255 -6.18 2.79 -2.41
N ARG A 256 -6.82 2.01 -3.28
CA ARG A 256 -7.03 2.42 -4.62
C ARG A 256 -8.29 3.36 -4.57
N PRO A 257 -8.38 4.31 -5.49
CA PRO A 257 -9.60 5.17 -5.49
C PRO A 257 -10.80 4.36 -6.01
N SER A 258 -12.03 4.79 -5.74
CA SER A 258 -13.18 4.14 -6.30
C SER A 258 -13.31 4.65 -7.66
N PHE A 259 -14.22 4.08 -8.44
CA PHE A 259 -14.45 4.58 -9.74
C PHE A 259 -15.10 5.98 -9.75
N ALA A 260 -15.94 6.25 -8.71
CA ALA A 260 -16.56 7.56 -8.54
C ALA A 260 -15.45 8.60 -8.32
N GLU A 261 -14.43 8.30 -7.53
CA GLU A 261 -13.32 9.25 -7.39
C GLU A 261 -12.48 9.41 -8.63
N ILE A 262 -12.31 8.34 -9.38
CA ILE A 262 -11.49 8.41 -10.62
C ILE A 262 -12.25 9.29 -11.62
N HIS A 263 -13.55 9.08 -11.75
CA HIS A 263 -14.29 9.92 -12.70
C HIS A 263 -14.24 11.43 -12.30
N GLN A 264 -14.37 11.68 -11.03
CA GLN A 264 -14.31 13.03 -10.50
C GLN A 264 -12.97 13.68 -10.78
N ALA A 265 -11.91 12.91 -10.64
CA ALA A 265 -10.56 13.39 -10.91
C ALA A 265 -10.45 13.78 -12.39
N PHE A 266 -11.07 13.00 -13.27
CA PHE A 266 -11.05 13.36 -14.68
C PHE A 266 -11.80 14.71 -14.89
N GLU A 267 -12.94 14.86 -14.22
CA GLU A 267 -13.79 16.03 -14.30
C GLU A 267 -13.06 17.25 -13.83
N THR A 268 -12.31 17.12 -12.75
CA THR A 268 -11.61 18.25 -12.18
C THR A 268 -10.10 18.41 -12.53
N MET A 269 -9.64 17.69 -13.54
CA MET A 269 -8.24 17.74 -13.91
C MET A 269 -7.94 19.09 -14.53
N PHE A 270 -8.81 19.47 -15.47
CA PHE A 270 -8.73 20.80 -16.11
N VAL B 1 -16.03 6.18 5.01
CA VAL B 1 -16.51 5.77 6.31
C VAL B 1 -15.46 6.09 7.39
N SER B 2 -15.75 7.14 8.15
CA SER B 2 -14.81 7.66 9.12
C SER B 2 -15.31 7.77 10.54
N PRO B 3 -14.35 7.81 11.45
CA PRO B 3 -14.62 7.97 12.86
C PRO B 3 -15.30 9.33 13.09
N ASN B 4 -16.34 9.31 13.91
CA ASN B 4 -17.11 10.52 14.17
C ASN B 4 -16.29 11.58 14.99
N TYR B 5 -15.69 11.11 16.09
CA TYR B 5 -14.91 11.96 16.99
C TYR B 5 -13.63 11.21 17.49
N ASP B 6 -12.64 11.08 16.61
CA ASP B 6 -11.37 10.38 16.97
C ASP B 6 -10.28 11.31 16.46
N LYS B 7 -9.46 11.85 17.33
CA LYS B 7 -8.48 12.79 16.81
C LYS B 7 -7.35 12.15 16.09
N TRP B 8 -7.08 10.89 16.40
CA TRP B 8 -5.93 10.23 15.81
C TRP B 8 -6.09 9.50 14.56
N GLU B 9 -7.29 8.98 14.32
CA GLU B 9 -7.52 8.11 13.21
C GLU B 9 -7.45 8.86 11.91
N MET B 10 -6.56 8.45 11.00
CA MET B 10 -6.51 9.06 9.63
C MET B 10 -6.72 7.90 8.63
N GLU B 11 -6.72 8.23 7.34
CA GLU B 11 -6.84 7.22 6.27
C GLU B 11 -5.42 6.93 5.80
N ARG B 12 -5.15 5.72 5.26
CA ARG B 12 -3.79 5.38 4.76
C ARG B 12 -3.46 6.26 3.56
N THR B 13 -4.46 6.51 2.72
CA THR B 13 -4.28 7.31 1.53
C THR B 13 -4.06 8.82 1.84
N ASP B 14 -4.02 9.21 3.12
CA ASP B 14 -3.74 10.62 3.51
C ASP B 14 -2.23 10.78 3.39
N ILE B 15 -1.49 9.66 3.33
CA ILE B 15 -0.05 9.68 3.27
C ILE B 15 0.53 9.14 2.00
N THR B 16 1.55 9.80 1.47
CA THR B 16 2.24 9.27 0.30
C THR B 16 3.43 8.50 0.87
N MET B 17 3.33 7.20 0.83
CA MET B 17 4.35 6.32 1.36
C MET B 17 5.57 6.39 0.47
N LYS B 18 6.71 6.83 1.02
CA LYS B 18 7.90 6.94 0.19
C LYS B 18 8.85 5.80 0.45
N HIS B 19 10.07 6.06 0.86
CA HIS B 19 10.93 4.91 1.07
C HIS B 19 11.03 4.42 2.49
N LYS B 20 11.67 3.25 2.65
CA LYS B 20 11.83 2.60 3.95
C LYS B 20 12.99 3.19 4.71
N LEU B 21 12.84 3.30 6.03
CA LEU B 21 13.91 3.83 6.89
N GLU B 28 9.72 -2.11 9.06
CA GLU B 28 8.58 -1.68 8.27
C GLU B 28 8.22 -0.24 8.65
N VAL B 29 9.26 0.60 8.78
CA VAL B 29 9.09 2.03 9.01
C VAL B 29 9.43 2.69 7.65
N TYR B 30 8.55 3.57 7.18
CA TYR B 30 8.75 4.29 5.93
C TYR B 30 8.80 5.79 6.23
N GLU B 31 9.34 6.57 5.29
CA GLU B 31 9.29 7.99 5.38
C GLU B 31 8.10 8.22 4.48
N GLY B 32 7.26 9.18 4.83
CA GLY B 32 6.10 9.44 4.00
C GLY B 32 5.82 10.95 4.02
N VAL B 33 4.81 11.34 3.26
CA VAL B 33 4.38 12.72 3.23
C VAL B 33 2.91 12.85 3.55
N TRP B 34 2.63 13.60 4.55
CA TRP B 34 1.24 13.87 4.95
C TRP B 34 0.77 15.01 4.01
N LYS B 35 0.24 14.57 2.85
CA LYS B 35 -0.25 15.44 1.76
C LYS B 35 -0.91 16.73 2.23
N LYS B 36 -2.01 16.58 2.96
CA LYS B 36 -2.77 17.69 3.51
C LYS B 36 -1.94 18.85 4.09
N TYR B 37 -0.71 18.56 4.55
CA TYR B 37 0.13 19.58 5.18
C TYR B 37 1.51 19.63 4.59
N SER B 38 1.71 18.90 3.52
CA SER B 38 3.04 18.79 2.89
C SER B 38 4.13 18.49 3.90
N LEU B 39 3.78 17.78 4.98
CA LEU B 39 4.74 17.42 6.05
C LEU B 39 5.36 16.04 5.85
N THR B 40 6.67 15.94 6.06
CA THR B 40 7.35 14.64 5.99
C THR B 40 7.10 13.95 7.33
N VAL B 41 6.77 12.66 7.27
CA VAL B 41 6.45 11.89 8.51
C VAL B 41 7.12 10.53 8.44
N ALA B 42 7.04 9.78 9.57
CA ALA B 42 7.55 8.41 9.74
C ALA B 42 6.31 7.52 9.95
N VAL B 43 6.22 6.48 9.16
CA VAL B 43 5.04 5.64 9.18
C VAL B 43 5.45 4.20 9.44
N LYS B 44 4.99 3.64 10.56
CA LYS B 44 5.25 2.20 10.88
C LYS B 44 4.02 1.41 10.42
N THR B 45 4.25 0.39 9.61
CA THR B 45 3.10 -0.40 9.13
C THR B 45 3.10 -1.79 9.68
N LEU B 46 1.94 -2.45 9.64
CA LEU B 46 1.86 -3.86 10.04
C LEU B 46 1.18 -4.64 8.94
N MET B 51 1.29 -12.50 12.45
CA MET B 51 0.46 -11.31 12.51
C MET B 51 0.08 -10.96 13.95
N GLU B 52 1.08 -10.43 14.66
CA GLU B 52 0.97 -10.02 16.05
C GLU B 52 0.33 -8.65 16.07
N VAL B 53 -0.90 -8.61 15.60
CA VAL B 53 -1.66 -7.40 15.53
C VAL B 53 -1.84 -6.77 16.93
N GLU B 54 -2.12 -7.60 17.92
CA GLU B 54 -2.36 -7.10 19.25
C GLU B 54 -1.23 -6.23 19.79
N GLU B 55 0.00 -6.62 19.59
CA GLU B 55 1.11 -5.83 20.10
C GLU B 55 1.21 -4.50 19.29
N PHE B 56 0.70 -4.51 18.07
CA PHE B 56 0.77 -3.38 17.20
C PHE B 56 -0.24 -2.40 17.63
N LEU B 57 -1.45 -2.89 17.88
CA LEU B 57 -2.51 -2.04 18.38
C LEU B 57 -2.25 -1.53 19.71
N LYS B 58 -1.51 -2.28 20.47
CA LYS B 58 -1.15 -1.82 21.82
C LYS B 58 -0.07 -0.67 21.75
N GLU B 59 0.86 -0.74 20.82
CA GLU B 59 1.86 0.36 20.67
C GLU B 59 1.05 1.62 20.30
N ALA B 60 0.11 1.50 19.37
CA ALA B 60 -0.70 2.66 19.02
C ALA B 60 -1.37 3.31 20.25
N ALA B 61 -1.91 2.46 21.12
CA ALA B 61 -2.63 2.89 22.33
C ALA B 61 -1.73 3.53 23.33
N VAL B 62 -0.52 3.01 23.45
CA VAL B 62 0.39 3.54 24.41
C VAL B 62 0.92 4.93 23.94
N MET B 63 1.12 5.08 22.63
CA MET B 63 1.65 6.36 22.07
C MET B 63 0.67 7.51 22.23
N LYS B 64 -0.62 7.20 22.21
CA LYS B 64 -1.72 8.19 22.40
C LYS B 64 -1.66 8.71 23.81
N GLU B 65 -1.03 7.98 24.74
CA GLU B 65 -0.90 8.39 26.15
C GLU B 65 0.45 8.91 26.50
N ILE B 66 1.21 9.31 25.51
CA ILE B 66 2.60 9.82 25.77
C ILE B 66 2.71 11.27 25.20
N LYS B 67 3.14 12.20 26.03
CA LYS B 67 3.30 13.60 25.57
C LYS B 67 4.51 14.12 26.32
N HIS B 68 5.62 14.31 25.64
CA HIS B 68 6.81 14.77 26.33
C HIS B 68 7.68 15.30 25.23
N PRO B 69 8.46 16.33 25.52
CA PRO B 69 9.27 17.01 24.50
C PRO B 69 10.40 16.14 23.93
N ASN B 70 10.80 15.12 24.68
CA ASN B 70 11.85 14.23 24.17
C ASN B 70 11.41 12.79 23.88
N LEU B 71 10.17 12.64 23.53
CA LEU B 71 9.62 11.35 23.07
C LEU B 71 8.96 11.60 21.76
N VAL B 72 9.31 10.83 20.73
CA VAL B 72 8.75 11.08 19.42
C VAL B 72 7.29 11.27 19.36
N GLN B 73 6.83 12.31 18.63
CA GLN B 73 5.44 12.66 18.66
C GLN B 73 4.54 11.89 17.75
N LEU B 74 3.52 11.29 18.30
CA LEU B 74 2.53 10.54 17.51
C LEU B 74 1.69 11.63 16.78
N LEU B 75 1.39 11.42 15.49
CA LEU B 75 0.56 12.30 14.69
C LEU B 75 -0.73 11.70 14.32
N GLY B 76 -0.75 10.36 14.15
CA GLY B 76 -2.00 9.67 13.75
C GLY B 76 -1.80 8.14 13.67
N VAL B 77 -2.89 7.42 13.42
CA VAL B 77 -2.87 5.96 13.32
C VAL B 77 -3.99 5.59 12.37
N CYS B 78 -3.82 4.46 11.70
CA CYS B 78 -4.83 3.84 10.77
C CYS B 78 -5.02 2.45 11.36
N THR B 79 -6.13 2.28 12.05
CA THR B 79 -6.41 1.04 12.75
C THR B 79 -7.78 0.59 12.34
N ARG B 80 -8.24 1.01 11.16
CA ARG B 80 -9.58 0.66 10.73
C ARG B 80 -9.67 -0.80 10.26
N GLU B 81 -8.70 -1.19 9.43
CA GLU B 81 -8.52 -2.56 8.95
C GLU B 81 -7.09 -2.61 8.44
N PRO B 82 -6.45 -3.77 8.55
CA PRO B 82 -5.01 -3.95 8.11
C PRO B 82 -4.89 -3.59 6.63
N PRO B 83 -3.72 -3.09 6.17
CA PRO B 83 -2.55 -2.80 7.01
C PRO B 83 -2.81 -1.65 7.95
N PHE B 84 -2.37 -1.83 9.18
CA PHE B 84 -2.53 -0.81 10.23
C PHE B 84 -1.29 0.12 10.13
N TYR B 85 -1.45 1.43 10.44
CA TYR B 85 -0.28 2.36 10.44
C TYR B 85 -0.27 3.09 11.77
N ILE B 86 0.94 3.49 12.21
CA ILE B 86 1.16 4.35 13.38
C ILE B 86 2.11 5.37 12.76
N ILE B 87 1.71 6.64 12.84
CA ILE B 87 2.42 7.74 12.16
C ILE B 87 2.94 8.73 13.14
N THR B 88 4.23 9.05 13.02
CA THR B 88 4.84 10.03 13.93
C THR B 88 5.55 11.09 13.12
N GLU B 89 6.09 12.05 13.82
CA GLU B 89 6.87 13.09 13.17
C GLU B 89 8.13 12.42 12.64
N PHE B 90 8.72 13.04 11.58
CA PHE B 90 9.97 12.61 10.96
C PHE B 90 11.04 13.51 11.58
N MET B 91 12.16 12.93 12.05
CA MET B 91 13.21 13.67 12.71
C MET B 91 14.24 13.83 11.69
N THR B 92 14.53 15.08 11.32
CA THR B 92 15.50 15.41 10.26
C THR B 92 16.81 14.71 10.19
N TYR B 93 17.54 14.64 11.29
CA TYR B 93 18.86 14.03 11.26
C TYR B 93 18.90 12.47 11.53
N GLY B 94 17.73 11.84 11.55
CA GLY B 94 17.59 10.37 11.71
C GLY B 94 18.07 9.79 13.03
N ASN B 95 18.43 8.49 13.05
CA ASN B 95 18.81 7.82 14.32
C ASN B 95 20.07 8.29 14.90
N LEU B 96 20.11 8.32 16.24
CA LEU B 96 21.29 8.83 16.93
C LEU B 96 22.58 8.04 16.71
N LEU B 97 22.47 6.74 16.56
CA LEU B 97 23.69 5.91 16.42
C LEU B 97 24.47 6.28 15.15
N ASP B 98 23.81 6.31 14.01
CA ASP B 98 24.43 6.74 12.75
C ASP B 98 24.91 8.21 12.81
N TYR B 99 24.16 9.05 13.52
CA TYR B 99 24.49 10.52 13.64
C TYR B 99 25.76 10.63 14.35
N LEU B 100 25.89 9.84 15.40
CA LEU B 100 27.12 9.86 16.15
C LEU B 100 28.30 9.32 15.30
N ARG B 101 28.04 8.31 14.50
CA ARG B 101 29.14 7.65 13.74
C ARG B 101 29.62 8.56 12.55
N GLU B 102 28.73 9.41 12.06
CA GLU B 102 29.01 10.27 10.93
C GLU B 102 29.03 11.80 11.22
N CYS B 103 29.01 12.19 12.49
CA CYS B 103 28.93 13.59 12.82
C CYS B 103 30.27 14.33 12.71
N ASN B 104 30.18 15.64 12.68
CA ASN B 104 31.38 16.53 12.70
C ASN B 104 31.73 16.49 14.19
N ARG B 105 32.74 15.73 14.53
CA ARG B 105 33.10 15.57 15.93
C ARG B 105 33.53 16.80 16.72
N GLN B 106 33.75 17.93 16.04
CA GLN B 106 34.14 19.19 16.71
C GLN B 106 32.91 19.97 17.02
N GLU B 107 31.90 19.78 16.23
CA GLU B 107 30.66 20.42 16.49
C GLU B 107 29.92 19.60 17.64
N VAL B 108 30.03 18.26 17.57
CA VAL B 108 29.38 17.38 18.57
C VAL B 108 30.36 17.12 19.61
N ASN B 109 30.56 18.13 20.45
CA ASN B 109 31.55 18.12 21.49
C ASN B 109 30.95 17.63 22.78
N ALA B 110 31.68 17.75 23.86
CA ALA B 110 31.26 17.21 25.13
C ALA B 110 30.02 17.76 25.73
N VAL B 111 29.73 19.04 25.41
CA VAL B 111 28.58 19.65 25.98
C VAL B 111 27.46 19.08 25.23
N VAL B 112 27.69 18.84 23.95
CA VAL B 112 26.59 18.26 23.16
C VAL B 112 26.23 16.82 23.61
N LEU B 113 27.25 16.02 23.88
CA LEU B 113 27.09 14.58 24.34
C LEU B 113 26.23 14.58 25.64
N LEU B 114 26.57 15.49 26.54
CA LEU B 114 25.92 15.67 27.81
C LEU B 114 24.47 16.07 27.64
N TYR B 115 24.27 16.95 26.68
CA TYR B 115 22.96 17.44 26.41
C TYR B 115 22.10 16.32 25.86
N MET B 116 22.68 15.50 25.02
CA MET B 116 21.93 14.37 24.39
C MET B 116 21.47 13.35 25.48
N ALA B 117 22.37 13.08 26.41
CA ALA B 117 22.13 12.15 27.54
C ALA B 117 21.08 12.74 28.49
N THR B 118 21.19 14.08 28.73
CA THR B 118 20.24 14.79 29.56
C THR B 118 18.85 14.69 28.98
N GLN B 119 18.75 14.86 27.70
CA GLN B 119 17.43 14.77 27.12
C GLN B 119 16.82 13.31 27.24
N ILE B 120 17.66 12.32 26.98
CA ILE B 120 17.13 10.97 26.91
C ILE B 120 16.67 10.61 28.26
N SER B 121 17.41 11.05 29.25
CA SER B 121 17.09 10.77 30.61
C SER B 121 15.77 11.41 31.07
N SER B 122 15.43 12.58 30.49
CA SER B 122 14.19 13.26 30.81
C SER B 122 13.08 12.43 30.21
N ALA B 123 13.26 12.00 28.97
CA ALA B 123 12.23 11.15 28.35
C ALA B 123 12.02 9.87 29.21
N MET B 124 13.10 9.28 29.70
CA MET B 124 12.95 8.00 30.47
C MET B 124 12.37 8.24 31.82
N GLU B 125 12.68 9.39 32.41
CA GLU B 125 12.12 9.71 33.72
C GLU B 125 10.62 9.81 33.54
N TYR B 126 10.17 10.28 32.39
CA TYR B 126 8.70 10.41 32.11
C TYR B 126 8.05 9.04 31.97
N LEU B 127 8.70 8.11 31.24
CA LEU B 127 8.13 6.78 31.06
C LEU B 127 8.18 6.09 32.37
N GLU B 128 9.18 6.40 33.12
CA GLU B 128 9.33 5.82 34.40
C GLU B 128 8.06 6.13 35.32
N LYS B 129 7.62 7.41 35.32
CA LYS B 129 6.45 7.82 36.16
C LYS B 129 5.23 7.08 35.74
N LYS B 130 5.15 6.77 34.46
CA LYS B 130 3.96 6.05 33.96
C LYS B 130 4.06 4.54 34.06
N ASN B 131 5.18 4.08 34.55
CA ASN B 131 5.49 2.67 34.58
C ASN B 131 5.34 2.09 33.17
N PHE B 132 5.85 2.82 32.15
CA PHE B 132 5.81 2.37 30.76
C PHE B 132 7.25 1.81 30.45
N ILE B 133 7.39 0.54 30.12
CA ILE B 133 8.74 -0.07 29.91
C ILE B 133 9.04 -0.03 28.50
N HIS B 134 10.20 0.49 28.14
CA HIS B 134 10.51 0.61 26.65
C HIS B 134 10.91 -0.76 26.04
N ARG B 135 11.84 -1.39 26.68
CA ARG B 135 12.31 -2.74 26.32
C ARG B 135 13.40 -2.80 25.28
N ASP B 136 13.71 -1.68 24.62
CA ASP B 136 14.81 -1.75 23.60
C ASP B 136 15.49 -0.42 23.46
N LEU B 137 15.91 0.09 24.60
CA LEU B 137 16.53 1.39 24.70
C LEU B 137 17.92 1.27 24.21
N ALA B 138 18.23 2.03 23.15
CA ALA B 138 19.60 1.96 22.55
C ALA B 138 19.72 3.22 21.60
N ALA B 139 20.93 3.59 21.23
CA ALA B 139 21.17 4.81 20.32
C ALA B 139 20.45 4.66 19.02
N ARG B 140 20.36 3.42 18.52
CA ARG B 140 19.66 3.21 17.26
C ARG B 140 18.23 3.47 17.40
N ASN B 141 17.69 3.55 18.62
CA ASN B 141 16.23 3.83 18.65
C ASN B 141 15.99 5.30 19.07
N CYS B 142 17.04 6.11 19.18
CA CYS B 142 16.86 7.54 19.54
C CYS B 142 16.96 8.30 18.24
N LEU B 143 16.36 9.48 18.18
CA LEU B 143 16.31 10.20 16.92
C LEU B 143 16.80 11.68 17.11
N VAL B 144 17.37 12.27 16.04
CA VAL B 144 18.05 13.59 16.09
C VAL B 144 17.37 14.63 15.25
N GLY B 145 16.95 15.72 15.88
CA GLY B 145 16.28 16.77 15.09
C GLY B 145 17.32 17.97 14.99
N GLU B 146 16.86 19.13 14.57
CA GLU B 146 17.79 20.33 14.47
C GLU B 146 18.37 20.71 15.77
N ASN B 147 19.62 21.23 15.73
CA ASN B 147 20.29 21.72 16.92
C ASN B 147 20.40 20.66 18.04
N HIS B 148 20.67 19.41 17.65
CA HIS B 148 20.87 18.31 18.63
C HIS B 148 19.74 18.01 19.54
N LEU B 149 18.54 18.41 19.14
CA LEU B 149 17.37 18.05 19.92
C LEU B 149 17.36 16.44 19.78
N VAL B 150 17.11 15.73 20.87
CA VAL B 150 17.04 14.23 20.79
C VAL B 150 15.71 13.73 21.37
N LYS B 151 15.07 12.79 20.69
CA LYS B 151 13.88 12.13 21.22
C LYS B 151 14.09 10.53 21.26
N VAL B 152 13.51 9.91 22.26
CA VAL B 152 13.44 8.44 22.42
C VAL B 152 12.32 7.99 21.57
N ALA B 153 12.55 6.91 20.84
CA ALA B 153 11.54 6.36 19.95
C ALA B 153 11.72 4.77 20.02
N ASP B 154 11.12 4.08 19.07
CA ASP B 154 11.36 2.62 18.97
C ASP B 154 11.05 2.21 17.59
N PHE B 155 12.08 1.92 16.83
CA PHE B 155 11.83 1.48 15.40
C PHE B 155 11.12 0.07 15.41
N GLY B 156 11.17 -0.65 16.52
CA GLY B 156 10.47 -1.98 16.62
C GLY B 156 10.79 -2.89 15.48
N LEU B 157 12.02 -2.78 14.99
CA LEU B 157 12.47 -3.57 13.83
N PRO B 175 19.04 -7.93 21.42
CA PRO B 175 20.20 -7.03 21.56
C PRO B 175 20.85 -7.34 22.87
N ILE B 176 21.41 -8.57 22.97
CA ILE B 176 22.03 -9.03 24.22
C ILE B 176 22.89 -8.00 24.91
N LYS B 177 23.67 -7.24 24.12
CA LYS B 177 24.63 -6.28 24.70
C LYS B 177 23.96 -5.14 25.44
N TRP B 178 22.70 -4.94 25.19
CA TRP B 178 21.96 -3.85 25.99
C TRP B 178 21.05 -4.42 27.09
N THR B 179 20.94 -5.77 27.13
CA THR B 179 19.97 -6.54 27.97
C THR B 179 20.43 -6.82 29.37
N ALA B 180 19.68 -6.32 30.35
CA ALA B 180 20.08 -6.47 31.74
C ALA B 180 20.13 -8.06 32.03
N PRO B 181 20.95 -8.49 32.92
CA PRO B 181 21.14 -9.93 33.20
C PRO B 181 19.86 -10.68 33.63
N GLU B 182 18.93 -10.00 34.37
CA GLU B 182 17.67 -10.64 34.76
C GLU B 182 16.76 -10.78 33.59
N SER B 183 16.92 -9.89 32.59
CA SER B 183 16.06 -9.98 31.42
C SER B 183 16.58 -11.13 30.52
N LEU B 184 17.88 -11.19 30.38
CA LEU B 184 18.54 -12.24 29.57
C LEU B 184 18.13 -13.62 30.19
N ALA B 185 18.39 -13.78 31.47
CA ALA B 185 18.14 -15.05 32.21
C ALA B 185 16.67 -15.40 32.54
N TYR B 186 15.92 -14.39 33.08
CA TYR B 186 14.53 -14.61 33.50
C TYR B 186 13.50 -14.09 32.61
N ASN B 187 13.91 -13.36 31.57
CA ASN B 187 12.93 -12.77 30.69
C ASN B 187 12.08 -11.71 31.47
N LYS B 188 12.61 -11.18 32.52
CA LYS B 188 11.86 -10.23 33.29
C LYS B 188 12.40 -8.82 32.81
N PHE B 189 11.49 -8.00 32.31
CA PHE B 189 11.77 -6.63 31.82
C PHE B 189 11.06 -5.69 32.70
N SER B 190 11.72 -4.59 33.03
CA SER B 190 11.17 -3.60 33.93
C SER B 190 11.87 -2.24 33.65
N ILE B 191 11.45 -1.21 34.37
CA ILE B 191 12.05 0.07 34.19
C ILE B 191 13.50 -0.02 34.57
N LYS B 192 13.83 -0.90 35.56
CA LYS B 192 15.26 -1.04 36.01
C LYS B 192 16.14 -1.68 34.91
N SER B 193 15.52 -2.48 34.05
CA SER B 193 16.25 -3.09 32.94
C SER B 193 16.35 -2.04 31.82
N ASP B 194 15.39 -1.12 31.74
CA ASP B 194 15.54 0.08 30.79
C ASP B 194 16.73 0.96 31.35
N VAL B 195 16.88 1.04 32.67
CA VAL B 195 18.02 1.69 33.29
C VAL B 195 19.43 1.09 32.87
N TRP B 196 19.57 -0.24 32.97
CA TRP B 196 20.80 -0.95 32.53
C TRP B 196 21.02 -0.57 31.05
N ALA B 197 20.01 -0.70 30.20
CA ALA B 197 20.16 -0.38 28.79
C ALA B 197 20.62 1.12 28.58
N PHE B 198 20.10 2.05 29.41
CA PHE B 198 20.47 3.46 29.41
C PHE B 198 21.97 3.53 29.66
N GLY B 199 22.46 2.72 30.61
CA GLY B 199 23.90 2.72 30.91
C GLY B 199 24.71 2.33 29.66
N VAL B 200 24.17 1.45 28.83
CA VAL B 200 24.92 1.02 27.60
C VAL B 200 24.78 2.15 26.53
N LEU B 201 23.62 2.72 26.48
CA LEU B 201 23.37 3.88 25.59
C LEU B 201 24.32 5.00 25.96
N LEU B 202 24.61 5.17 27.23
CA LEU B 202 25.55 6.20 27.63
C LEU B 202 26.92 5.98 27.07
N TRP B 203 27.31 4.71 27.03
CA TRP B 203 28.58 4.24 26.55
C TRP B 203 28.64 4.42 25.05
N GLU B 204 27.56 4.21 24.39
CA GLU B 204 27.56 4.43 22.95
C GLU B 204 27.82 5.96 22.60
N ILE B 205 27.21 6.82 23.39
CA ILE B 205 27.27 8.24 23.16
C ILE B 205 28.68 8.64 23.40
N ALA B 206 29.24 8.13 24.49
CA ALA B 206 30.64 8.47 24.86
C ALA B 206 31.67 8.03 23.90
N THR B 207 31.40 6.99 23.12
CA THR B 207 32.38 6.52 22.19
C THR B 207 32.01 6.98 20.79
N TYR B 208 31.03 7.89 20.65
CA TYR B 208 30.55 8.22 19.30
C TYR B 208 30.11 7.00 18.50
N GLY B 209 29.28 6.16 19.13
CA GLY B 209 28.64 5.09 18.36
C GLY B 209 29.51 3.82 18.09
N MET B 210 30.40 3.47 18.97
CA MET B 210 31.16 2.17 18.86
C MET B 210 30.17 1.07 19.35
N SER B 211 30.43 -0.17 18.93
CA SER B 211 29.62 -1.38 19.28
C SER B 211 30.08 -1.85 20.61
N PRO B 212 29.14 -2.03 21.55
CA PRO B 212 29.47 -2.38 22.95
C PRO B 212 30.23 -3.78 23.10
N TYR B 213 30.97 -3.98 24.18
CA TYR B 213 31.69 -5.28 24.41
C TYR B 213 32.49 -5.71 23.17
N PRO B 214 33.28 -4.81 22.64
CA PRO B 214 34.06 -5.11 21.42
C PRO B 214 34.95 -6.37 21.62
N GLY B 215 34.93 -7.26 20.64
CA GLY B 215 35.73 -8.48 20.72
C GLY B 215 35.10 -9.59 21.60
N ILE B 216 34.13 -9.23 22.46
CA ILE B 216 33.52 -10.27 23.29
C ILE B 216 32.41 -11.05 22.56
N ASP B 217 32.45 -12.38 22.62
CA ASP B 217 31.41 -13.11 21.92
C ASP B 217 30.12 -13.13 22.72
N LEU B 218 29.02 -12.87 22.05
CA LEU B 218 27.71 -12.77 22.64
C LEU B 218 27.36 -13.87 23.61
N SER B 219 27.84 -15.09 23.32
CA SER B 219 27.56 -16.25 24.14
C SER B 219 28.18 -16.16 25.50
N GLN B 220 29.20 -15.33 25.63
CA GLN B 220 29.87 -15.23 26.92
C GLN B 220 29.50 -14.01 27.78
N VAL B 221 28.67 -13.14 27.26
CA VAL B 221 28.33 -11.91 28.00
C VAL B 221 27.71 -12.17 29.39
N TYR B 222 26.69 -12.99 29.48
CA TYR B 222 26.07 -13.25 30.80
C TYR B 222 27.02 -13.73 31.85
N GLU B 223 27.84 -14.72 31.47
CA GLU B 223 28.84 -15.28 32.37
C GLU B 223 29.77 -14.24 32.87
N LEU B 224 30.23 -13.34 31.98
CA LEU B 224 31.15 -12.25 32.48
C LEU B 224 30.41 -11.29 33.38
N LEU B 225 29.25 -10.83 32.99
CA LEU B 225 28.46 -9.86 33.86
C LEU B 225 28.28 -10.49 35.24
N GLU B 226 27.80 -11.74 35.25
CA GLU B 226 27.62 -12.49 36.54
C GLU B 226 28.87 -12.51 37.38
N LYS B 227 30.03 -12.40 36.77
CA LYS B 227 31.29 -12.38 37.55
C LYS B 227 31.73 -10.93 37.78
N ASP B 228 30.84 -9.95 37.53
CA ASP B 228 31.20 -8.55 37.80
C ASP B 228 32.04 -7.87 36.76
N TYR B 229 32.12 -8.43 35.58
CA TYR B 229 32.88 -7.78 34.53
C TYR B 229 31.95 -6.66 33.96
N ARG B 230 32.51 -5.48 33.67
CA ARG B 230 31.71 -4.39 33.06
C ARG B 230 32.67 -3.65 32.08
N MET B 231 32.14 -3.07 31.03
CA MET B 231 32.93 -2.26 30.10
C MET B 231 33.70 -1.22 30.88
N GLU B 232 34.92 -0.96 30.43
CA GLU B 232 35.78 0.04 31.06
C GLU B 232 35.40 1.43 30.60
N ARG B 233 35.79 2.42 31.35
CA ARG B 233 35.48 3.82 31.03
C ARG B 233 35.98 4.21 29.63
N PRO B 234 35.12 4.68 28.74
CA PRO B 234 35.66 5.07 27.43
C PRO B 234 36.56 6.33 27.55
N GLU B 235 37.46 6.47 26.59
CA GLU B 235 38.38 7.61 26.50
C GLU B 235 37.61 8.94 26.46
N GLY B 236 37.98 9.85 27.32
CA GLY B 236 37.34 11.15 27.36
C GLY B 236 36.08 11.20 28.21
N CYS B 237 35.50 10.02 28.53
CA CYS B 237 34.26 10.00 29.34
C CYS B 237 34.65 10.49 30.70
N PRO B 238 33.89 11.43 31.26
CA PRO B 238 34.20 11.97 32.56
C PRO B 238 33.93 10.94 33.67
N GLU B 239 34.70 11.02 34.75
CA GLU B 239 34.63 10.09 35.84
C GLU B 239 33.24 9.97 36.42
N LYS B 240 32.54 11.08 36.63
CA LYS B 240 31.17 11.01 37.18
C LYS B 240 30.18 10.41 36.27
N VAL B 241 30.42 10.50 34.98
CA VAL B 241 29.51 9.92 34.01
C VAL B 241 29.73 8.37 33.98
N TYR B 242 30.98 7.95 34.17
CA TYR B 242 31.30 6.52 34.18
C TYR B 242 30.70 5.91 35.44
N GLU B 243 30.89 6.60 36.55
CA GLU B 243 30.35 6.19 37.82
C GLU B 243 28.86 5.95 37.68
N LEU B 244 28.18 6.87 37.03
CA LEU B 244 26.74 6.74 36.86
C LEU B 244 26.44 5.58 35.91
N MET B 245 27.25 5.38 34.91
CA MET B 245 27.14 4.24 33.98
C MET B 245 27.23 2.93 34.79
N ARG B 246 28.21 2.87 35.68
CA ARG B 246 28.40 1.67 36.55
C ARG B 246 27.21 1.44 37.52
N ALA B 247 26.62 2.53 37.99
CA ALA B 247 25.49 2.42 38.91
C ALA B 247 24.33 1.80 38.12
N CYS B 248 24.20 2.12 36.85
CA CYS B 248 23.14 1.53 36.02
C CYS B 248 23.35 0.02 35.76
N TRP B 249 24.61 -0.44 35.88
CA TRP B 249 24.94 -1.83 35.63
C TRP B 249 25.10 -2.60 36.92
N GLN B 250 24.40 -2.16 37.97
CA GLN B 250 24.43 -2.90 39.24
C GLN B 250 23.74 -4.19 38.93
N TRP B 251 24.31 -5.23 39.48
CA TRP B 251 23.69 -6.59 39.30
C TRP B 251 22.21 -6.60 39.73
N ASN B 252 21.89 -6.24 40.93
CA ASN B 252 20.44 -6.33 41.34
C ASN B 252 19.69 -5.12 40.77
N PRO B 253 18.56 -5.31 40.12
CA PRO B 253 17.78 -4.21 39.57
C PRO B 253 17.42 -3.09 40.56
N SER B 254 17.19 -3.43 41.84
CA SER B 254 16.77 -2.44 42.84
C SER B 254 17.94 -1.61 43.28
N ASP B 255 19.16 -2.07 43.03
CA ASP B 255 20.31 -1.25 43.41
C ASP B 255 20.67 -0.21 42.36
N ARG B 256 19.99 -0.23 41.22
CA ARG B 256 20.27 0.70 40.12
C ARG B 256 19.49 2.04 40.40
N PRO B 257 20.05 3.18 39.99
CA PRO B 257 19.31 4.44 40.22
C PRO B 257 18.01 4.47 39.48
N SER B 258 17.04 5.31 39.92
CA SER B 258 15.84 5.48 39.08
C SER B 258 16.26 6.55 37.98
N PHE B 259 15.45 6.71 36.99
CA PHE B 259 15.64 7.65 35.91
C PHE B 259 15.45 9.12 36.46
N ALA B 260 14.63 9.26 37.50
CA ALA B 260 14.42 10.53 38.21
C ALA B 260 15.78 10.95 38.72
N GLU B 261 16.50 10.03 39.39
CA GLU B 261 17.81 10.35 39.90
C GLU B 261 18.83 10.58 38.82
N ILE B 262 18.76 9.80 37.73
CA ILE B 262 19.76 9.90 36.68
C ILE B 262 19.58 11.30 36.02
N HIS B 263 18.35 11.61 35.70
CA HIS B 263 18.07 12.89 35.11
C HIS B 263 18.54 14.02 36.01
N GLN B 264 18.22 13.91 37.28
CA GLN B 264 18.70 14.94 38.20
C GLN B 264 20.24 15.08 38.15
N ALA B 265 20.96 13.96 38.17
CA ALA B 265 22.44 13.99 38.14
C ALA B 265 22.92 14.70 36.84
N PHE B 266 22.26 14.46 35.72
CA PHE B 266 22.69 15.15 34.48
C PHE B 266 22.34 16.67 34.52
N GLU B 267 21.07 16.97 34.70
CA GLU B 267 20.53 18.32 34.73
C GLU B 267 21.33 19.23 35.64
N THR B 268 21.68 18.68 36.77
CA THR B 268 22.44 19.30 37.80
C THR B 268 23.92 19.30 37.47
N MET B 269 24.27 18.66 36.36
CA MET B 269 25.67 18.47 35.91
C MET B 269 26.80 18.20 36.88
N PHE B 270 26.45 17.51 37.96
CA PHE B 270 27.43 17.16 38.98
#